data_8DJU
#
_entry.id   8DJU
#
_cell.length_a   38.190
_cell.length_b   75.303
_cell.length_c   83.385
_cell.angle_alpha   90.000
_cell.angle_beta   90.000
_cell.angle_gamma   90.000
#
_symmetry.space_group_name_H-M   'P 21 21 21'
#
loop_
_entity.id
_entity.type
_entity.pdbx_description
1 polymer 'L-ascorbate peroxidase'
2 non-polymer 'SULFATE ION'
3 non-polymer 'PROTOPORPHYRIN IX CONTAINING FE'
4 non-polymer '(3aS,6S,6aR)-3,3,3a,6-tetrahydroxytetrahydrofuro[3,2-b]furan-2(3H)-one (non-preferred name)'
5 non-polymer 'SODIUM ION'
6 water water
#
_entity_poly.entity_id   1
_entity_poly.type   'polypeptide(L)'
_entity_poly.pdbx_seq_one_letter_code
;MAKSYPTVSAEYSEAVEKARQKLRALIAEKSCAPLMLRLAWHSAGTFDVSSRTGGPFGTMKNPAELAHGANAGLDIAVRL
LEPIKEEFPILSYADFYQLAGVVAVEVTGGPQIPFHPGREDKPQPPPEGRLPDATKGSDHLRQVFGKQMGLSDQDIVALS
GGHTLGRCHKERSGFEGAWTSNPLVFDNSYFKELLSGDKEGLLQLPSDKALLSDPAFRPLVDKYAADEKAFFEDYKEAHL
KLSELGFADA
;
_entity_poly.pdbx_strand_id   A
#
loop_
_chem_comp.id
_chem_comp.type
_chem_comp.name
_chem_comp.formula
HEM non-polymer 'PROTOPORPHYRIN IX CONTAINING FE' 'C34 H32 Fe N4 O4'
NA non-polymer 'SODIUM ION' 'Na 1'
SIV non-polymer '(3aS,6S,6aR)-3,3,3a,6-tetrahydroxytetrahydrofuro[3,2-b]furan-2(3H)-one (non-preferred name)' 'C6 H8 O7'
SO4 non-polymer 'SULFATE ION' 'O4 S -2'
#
# COMPACT_ATOMS: atom_id res chain seq x y z
N MET A 1 -13.14 -15.15 9.40
CA MET A 1 -13.65 -16.37 8.70
C MET A 1 -13.95 -16.04 7.25
N ALA A 2 -13.72 -14.78 6.85
CA ALA A 2 -13.91 -14.41 5.47
C ALA A 2 -12.85 -15.00 4.54
N LYS A 3 -11.77 -15.56 5.09
CA LYS A 3 -10.66 -16.07 4.32
C LYS A 3 -10.47 -17.55 4.57
N SER A 4 -10.00 -18.26 3.55
CA SER A 4 -9.58 -19.65 3.62
C SER A 4 -8.25 -19.76 2.90
N TYR A 5 -7.15 -19.74 3.64
CA TYR A 5 -5.84 -19.59 3.02
C TYR A 5 -5.35 -20.92 2.46
N PRO A 6 -4.66 -20.89 1.33
CA PRO A 6 -4.22 -22.13 0.68
C PRO A 6 -3.04 -22.74 1.40
N THR A 7 -2.92 -24.06 1.23
CA THR A 7 -1.77 -24.79 1.74
C THR A 7 -0.64 -24.65 0.74
N VAL A 8 0.52 -24.22 1.24
CA VAL A 8 1.73 -24.18 0.43
C VAL A 8 2.77 -25.09 1.07
N SER A 9 3.72 -25.51 0.26
CA SER A 9 4.73 -26.44 0.72
C SER A 9 5.64 -25.81 1.78
N ALA A 10 6.32 -26.67 2.53
CA ALA A 10 7.32 -26.17 3.46
C ALA A 10 8.40 -25.37 2.74
N GLU A 11 8.78 -25.79 1.54
CA GLU A 11 9.80 -25.09 0.77
C GLU A 11 9.31 -23.69 0.39
N TYR A 12 8.03 -23.57 0.05
CA TYR A 12 7.47 -22.25 -0.25
C TYR A 12 7.54 -21.36 0.97
N SER A 13 7.13 -21.88 2.13
CA SER A 13 7.18 -21.10 3.36
C SER A 13 8.61 -20.73 3.75
N GLU A 14 9.56 -21.63 3.51
CA GLU A 14 10.96 -21.29 3.79
C GLU A 14 11.44 -20.16 2.89
N ALA A 15 11.03 -20.18 1.61
CA ALA A 15 11.41 -19.11 0.70
C ALA A 15 10.81 -17.78 1.13
N VAL A 16 9.58 -17.78 1.63
CA VAL A 16 8.98 -16.55 2.14
C VAL A 16 9.84 -15.97 3.25
N GLU A 17 10.28 -16.82 4.18
CA GLU A 17 11.04 -16.31 5.32
C GLU A 17 12.41 -15.81 4.89
N LYS A 18 13.08 -16.54 4.00
CA LYS A 18 14.38 -16.09 3.52
C LYS A 18 14.25 -14.81 2.70
N ALA A 19 13.23 -14.71 1.85
CA ALA A 19 13.00 -13.49 1.09
C ALA A 19 12.68 -12.32 2.01
N ARG A 20 11.91 -12.57 3.08
CA ARG A 20 11.61 -11.51 4.04
C ARG A 20 12.88 -10.94 4.62
N GLN A 21 13.83 -11.81 4.94
CA GLN A 21 15.08 -11.34 5.55
C GLN A 21 15.88 -10.53 4.55
N LYS A 22 15.95 -10.98 3.30
CA LYS A 22 16.68 -10.21 2.30
C LYS A 22 16.00 -8.87 2.01
N LEU A 23 14.66 -8.87 1.99
CA LEU A 23 13.93 -7.63 1.77
C LEU A 23 14.13 -6.64 2.91
N ARG A 24 14.10 -7.13 4.15
CA ARG A 24 14.36 -6.26 5.30
C ARG A 24 15.69 -5.55 5.14
N ALA A 25 16.73 -6.32 4.78
CA ALA A 25 18.06 -5.72 4.65
C ALA A 25 18.11 -4.73 3.50
N LEU A 26 17.59 -5.11 2.31
CA LEU A 26 17.68 -4.23 1.16
C LEU A 26 16.88 -2.95 1.37
N ILE A 27 15.66 -3.07 1.87
CA ILE A 27 14.80 -1.91 2.01
C ILE A 27 15.38 -0.94 3.03
N ALA A 28 15.92 -1.45 4.13
CA ALA A 28 16.57 -0.57 5.09
C ALA A 28 17.85 0.03 4.50
N GLU A 29 18.65 -0.77 3.82
CA GLU A 29 19.94 -0.31 3.36
C GLU A 29 19.83 0.72 2.25
N LYS A 30 18.78 0.64 1.41
CA LYS A 30 18.61 1.54 0.29
C LYS A 30 17.59 2.64 0.57
N SER A 31 17.03 2.69 1.78
CA SER A 31 16.13 3.76 2.21
C SER A 31 14.94 3.92 1.26
N CYS A 32 14.41 2.79 0.78
CA CYS A 32 13.36 2.83 -0.23
C CYS A 32 12.02 2.28 0.26
N ALA A 33 11.82 2.22 1.57
CA ALA A 33 10.56 1.71 2.10
C ALA A 33 9.35 2.44 1.53
N PRO A 34 9.32 3.77 1.40
CA PRO A 34 8.08 4.38 0.90
C PRO A 34 7.74 3.93 -0.51
N LEU A 35 8.74 3.83 -1.38
CA LEU A 35 8.49 3.36 -2.74
C LEU A 35 7.97 1.93 -2.74
N MET A 36 8.46 1.11 -1.81
CA MET A 36 8.03 -0.28 -1.78
C MET A 36 6.61 -0.40 -1.23
N LEU A 37 6.24 0.45 -0.28
CA LEU A 37 4.85 0.47 0.15
C LEU A 37 3.92 0.91 -0.99
N ARG A 38 4.31 1.94 -1.73
CA ARG A 38 3.53 2.36 -2.89
C ARG A 38 3.42 1.25 -3.93
N LEU A 39 4.50 0.50 -4.15
CA LEU A 39 4.47 -0.65 -5.06
C LEU A 39 3.41 -1.65 -4.65
N ALA A 40 3.40 -2.03 -3.38
CA ALA A 40 2.43 -3.02 -2.92
C ALA A 40 1.00 -2.49 -2.99
N TRP A 41 0.82 -1.23 -2.61
CA TRP A 41 -0.52 -0.63 -2.66
C TRP A 41 -1.02 -0.49 -4.08
N HIS A 42 -0.20 -0.03 -5.04
CA HIS A 42 -0.70 0.05 -6.42
C HIS A 42 -0.90 -1.32 -7.04
N SER A 43 -0.21 -2.33 -6.56
CA SER A 43 -0.46 -3.70 -6.96
C SER A 43 -1.82 -4.18 -6.49
N ALA A 44 -2.19 -3.87 -5.26
CA ALA A 44 -3.41 -4.42 -4.69
C ALA A 44 -4.64 -3.58 -4.97
N GLY A 45 -4.49 -2.25 -5.03
CA GLY A 45 -5.60 -1.32 -5.02
C GLY A 45 -6.39 -1.24 -6.30
N THR A 46 -6.03 -2.02 -7.30
CA THR A 46 -6.76 -2.08 -8.56
C THR A 46 -7.88 -3.11 -8.53
N PHE A 47 -8.05 -3.83 -7.41
CA PHE A 47 -9.09 -4.84 -7.35
C PHE A 47 -10.47 -4.23 -7.48
N ASP A 48 -11.34 -4.87 -8.28
CA ASP A 48 -12.74 -4.49 -8.36
C ASP A 48 -13.56 -5.72 -8.05
N VAL A 49 -14.31 -5.68 -6.95
CA VAL A 49 -15.05 -6.84 -6.49
C VAL A 49 -16.12 -7.26 -7.48
N SER A 50 -16.63 -6.32 -8.29
CA SER A 50 -17.74 -6.65 -9.18
C SER A 50 -17.32 -7.56 -10.31
N SER A 51 -16.10 -7.41 -10.82
CA SER A 51 -15.56 -8.25 -11.86
C SER A 51 -14.49 -9.21 -11.38
N ARG A 52 -14.01 -9.04 -10.14
CA ARG A 52 -12.88 -9.80 -9.59
C ARG A 52 -11.66 -9.73 -10.50
N THR A 53 -11.47 -8.57 -11.12
CA THR A 53 -10.27 -8.27 -11.89
C THR A 53 -9.37 -7.32 -11.08
N GLY A 54 -8.08 -7.32 -11.43
CA GLY A 54 -7.11 -6.53 -10.69
C GLY A 54 -6.74 -7.20 -9.36
N GLY A 55 -6.06 -6.42 -8.52
CA GLY A 55 -5.66 -6.91 -7.24
C GLY A 55 -4.26 -7.46 -7.23
N PRO A 56 -3.83 -7.95 -6.07
CA PRO A 56 -2.40 -8.28 -5.82
C PRO A 56 -1.97 -9.61 -6.42
N PHE A 57 -1.89 -9.64 -7.74
CA PHE A 57 -1.64 -10.88 -8.48
C PHE A 57 -0.45 -10.73 -9.42
N GLY A 58 0.51 -9.91 -9.03
CA GLY A 58 1.82 -9.90 -9.65
C GLY A 58 1.91 -9.08 -10.90
N THR A 59 0.84 -8.43 -11.30
CA THR A 59 0.80 -7.80 -12.61
C THR A 59 1.60 -6.51 -12.67
N MET A 60 2.11 -5.99 -11.55
CA MET A 60 3.01 -4.86 -11.61
C MET A 60 4.33 -5.20 -12.28
N LYS A 61 4.66 -6.48 -12.42
CA LYS A 61 5.83 -6.86 -13.22
C LYS A 61 5.58 -6.63 -14.71
N ASN A 62 4.34 -6.55 -15.13
CA ASN A 62 3.98 -6.41 -16.55
C ASN A 62 4.26 -4.99 -17.02
N PRO A 63 5.02 -4.81 -18.11
CA PRO A 63 5.35 -3.45 -18.55
C PRO A 63 4.12 -2.64 -18.90
N ALA A 64 3.03 -3.27 -19.32
CA ALA A 64 1.84 -2.49 -19.64
C ALA A 64 1.24 -1.84 -18.40
N GLU A 65 1.31 -2.50 -17.23
CA GLU A 65 0.81 -1.89 -16.01
C GLU A 65 1.79 -0.86 -15.49
N LEU A 66 3.11 -1.12 -15.62
CA LEU A 66 4.08 -0.11 -15.22
C LEU A 66 3.94 1.18 -16.02
N ALA A 67 3.42 1.09 -17.25
CA ALA A 67 3.21 2.25 -18.09
C ALA A 67 1.97 3.06 -17.73
N HIS A 68 1.10 2.56 -16.86
CA HIS A 68 -0.01 3.38 -16.40
C HIS A 68 0.52 4.67 -15.77
N GLY A 69 -0.15 5.79 -16.04
CA GLY A 69 0.33 7.05 -15.48
C GLY A 69 0.45 7.03 -13.96
N ALA A 70 -0.50 6.40 -13.30
CA ALA A 70 -0.48 6.34 -11.84
C ALA A 70 0.71 5.56 -11.30
N ASN A 71 1.35 4.74 -12.13
CA ASN A 71 2.44 3.88 -11.69
C ASN A 71 3.81 4.41 -12.03
N ALA A 72 3.90 5.67 -12.43
CA ALA A 72 5.20 6.24 -12.79
C ALA A 72 6.18 6.12 -11.63
N GLY A 73 7.39 5.65 -11.93
CA GLY A 73 8.40 5.43 -10.92
C GLY A 73 8.42 4.04 -10.31
N LEU A 74 7.33 3.29 -10.44
CA LEU A 74 7.32 1.96 -9.83
C LEU A 74 8.20 0.97 -10.60
N ASP A 75 8.56 1.29 -11.84
CA ASP A 75 9.57 0.50 -12.55
C ASP A 75 10.89 0.50 -11.80
N ILE A 76 11.20 1.59 -11.09
CA ILE A 76 12.42 1.61 -10.27
C ILE A 76 12.33 0.55 -9.18
N ALA A 77 11.17 0.46 -8.52
CA ALA A 77 11.02 -0.48 -7.43
C ALA A 77 11.09 -1.91 -7.93
N VAL A 78 10.43 -2.19 -9.05
CA VAL A 78 10.48 -3.53 -9.64
C VAL A 78 11.93 -3.91 -9.92
N ARG A 79 12.70 -2.99 -10.50
CA ARG A 79 14.08 -3.34 -10.85
C ARG A 79 14.95 -3.48 -9.62
N LEU A 80 14.72 -2.66 -8.59
CA LEU A 80 15.51 -2.80 -7.36
C LEU A 80 15.30 -4.16 -6.72
N LEU A 81 14.09 -4.69 -6.79
CA LEU A 81 13.77 -5.95 -6.13
C LEU A 81 14.13 -7.16 -6.95
N GLU A 82 14.37 -7.01 -8.26
CA GLU A 82 14.55 -8.20 -9.08
C GLU A 82 15.75 -9.04 -8.68
N PRO A 83 16.89 -8.49 -8.23
CA PRO A 83 17.99 -9.38 -7.78
C PRO A 83 17.59 -10.30 -6.65
N ILE A 84 16.74 -9.85 -5.72
CA ILE A 84 16.25 -10.75 -4.68
C ILE A 84 15.28 -11.77 -5.29
N LYS A 85 14.37 -11.31 -6.14
CA LYS A 85 13.41 -12.24 -6.72
C LYS A 85 14.11 -13.37 -7.46
N GLU A 86 15.19 -13.07 -8.15
CA GLU A 86 15.90 -14.12 -8.88
C GLU A 86 16.42 -15.22 -7.97
N GLU A 87 16.65 -14.93 -6.69
CA GLU A 87 17.07 -15.94 -5.74
C GLU A 87 15.91 -16.81 -5.22
N PHE A 88 14.67 -16.46 -5.54
CA PHE A 88 13.47 -17.14 -5.03
C PHE A 88 12.51 -17.43 -6.18
N PRO A 89 12.91 -18.28 -7.11
CA PRO A 89 12.03 -18.59 -8.25
C PRO A 89 10.71 -19.24 -7.85
N ILE A 90 10.64 -19.90 -6.69
CA ILE A 90 9.40 -20.56 -6.30
C ILE A 90 8.32 -19.54 -5.97
N LEU A 91 8.68 -18.34 -5.55
CA LEU A 91 7.67 -17.39 -5.09
C LEU A 91 6.97 -16.74 -6.28
N SER A 92 5.67 -16.51 -6.15
CA SER A 92 4.99 -15.66 -7.10
C SER A 92 5.42 -14.21 -6.92
N TYR A 93 5.43 -13.48 -8.03
CA TYR A 93 5.60 -12.03 -7.95
C TYR A 93 4.50 -11.41 -7.09
N ALA A 94 3.30 -11.98 -7.16
CA ALA A 94 2.16 -11.50 -6.38
C ALA A 94 2.48 -11.49 -4.90
N ASP A 95 2.92 -12.64 -4.39
CA ASP A 95 3.32 -12.74 -2.99
C ASP A 95 4.51 -11.85 -2.70
N PHE A 96 5.50 -11.86 -3.58
CA PHE A 96 6.75 -11.14 -3.34
C PHE A 96 6.51 -9.65 -3.16
N TYR A 97 5.69 -9.05 -4.02
CA TYR A 97 5.47 -7.61 -3.89
C TYR A 97 4.61 -7.27 -2.67
N GLN A 98 3.67 -8.13 -2.28
CA GLN A 98 2.94 -7.87 -1.05
C GLN A 98 3.84 -8.05 0.17
N LEU A 99 4.74 -9.04 0.14
CA LEU A 99 5.71 -9.17 1.22
C LEU A 99 6.59 -7.91 1.32
N ALA A 100 7.02 -7.36 0.19
CA ALA A 100 7.81 -6.14 0.23
C ALA A 100 7.04 -5.01 0.93
N GLY A 101 5.73 -4.91 0.68
CA GLY A 101 4.94 -3.88 1.36
C GLY A 101 4.87 -4.08 2.86
N VAL A 102 4.68 -5.32 3.30
CA VAL A 102 4.65 -5.66 4.72
C VAL A 102 6.00 -5.33 5.36
N VAL A 103 7.08 -5.66 4.68
CA VAL A 103 8.41 -5.36 5.20
C VAL A 103 8.65 -3.86 5.24
N ALA A 104 8.20 -3.13 4.23
CA ALA A 104 8.40 -1.68 4.23
C ALA A 104 7.80 -1.03 5.47
N VAL A 105 6.61 -1.46 5.87
CA VAL A 105 5.97 -0.92 7.06
C VAL A 105 6.75 -1.34 8.30
N GLU A 106 7.23 -2.59 8.34
CA GLU A 106 8.01 -3.07 9.49
C GLU A 106 9.29 -2.28 9.66
N VAL A 107 10.07 -2.12 8.59
CA VAL A 107 11.40 -1.57 8.77
C VAL A 107 11.39 -0.10 9.11
N THR A 108 10.27 0.60 8.87
CA THR A 108 10.12 2.00 9.20
C THR A 108 9.47 2.20 10.57
N GLY A 109 9.23 1.12 11.32
CA GLY A 109 8.73 1.21 12.68
C GLY A 109 7.24 1.02 12.82
N GLY A 110 6.57 0.59 11.77
CA GLY A 110 5.15 0.38 11.81
C GLY A 110 4.75 -0.97 12.37
N PRO A 111 3.45 -1.27 12.31
CA PRO A 111 2.97 -2.53 12.88
C PRO A 111 3.41 -3.73 12.06
N GLN A 112 3.37 -4.90 12.72
CA GLN A 112 3.65 -6.19 12.11
C GLN A 112 2.40 -6.73 11.43
N ILE A 113 2.36 -6.66 10.11
CA ILE A 113 1.19 -7.06 9.36
C ILE A 113 1.29 -8.55 9.05
N PRO A 114 0.28 -9.36 9.38
CA PRO A 114 0.33 -10.78 9.02
C PRO A 114 0.50 -10.95 7.52
N PHE A 115 1.14 -12.05 7.14
CA PHE A 115 1.35 -12.36 5.75
C PHE A 115 1.04 -13.83 5.52
N HIS A 116 0.18 -14.08 4.54
CA HIS A 116 -0.25 -15.42 4.16
C HIS A 116 0.11 -15.68 2.72
N PRO A 117 0.90 -16.71 2.42
CA PRO A 117 1.35 -16.95 1.04
C PRO A 117 0.33 -17.68 0.21
N GLY A 118 0.54 -17.62 -1.11
CA GLY A 118 -0.19 -18.44 -2.05
C GLY A 118 -0.87 -17.74 -3.19
N ARG A 119 -0.66 -16.42 -3.34
CA ARG A 119 -1.26 -15.72 -4.46
C ARG A 119 -0.70 -16.21 -5.78
N GLU A 120 -1.57 -16.33 -6.78
CA GLU A 120 -1.17 -16.69 -8.13
C GLU A 120 -0.75 -15.45 -8.91
N ASP A 121 0.18 -15.63 -9.83
CA ASP A 121 0.52 -14.59 -10.80
C ASP A 121 -0.45 -14.70 -11.98
N LYS A 122 -1.31 -13.72 -12.14
CA LYS A 122 -2.31 -13.73 -13.19
C LYS A 122 -1.78 -13.05 -14.45
N PRO A 123 -2.26 -13.48 -15.63
CA PRO A 123 -1.64 -13.01 -16.87
C PRO A 123 -2.05 -11.60 -17.30
N GLN A 124 -3.26 -11.14 -16.97
CA GLN A 124 -3.75 -9.88 -17.51
C GLN A 124 -3.73 -8.78 -16.46
N PRO A 125 -3.14 -7.64 -16.73
CA PRO A 125 -3.26 -6.51 -15.80
C PRO A 125 -4.67 -5.96 -15.79
N PRO A 126 -5.04 -5.24 -14.74
CA PRO A 126 -6.31 -4.52 -14.74
C PRO A 126 -6.30 -3.41 -15.76
N PRO A 127 -7.46 -2.92 -16.16
CA PRO A 127 -7.51 -1.66 -16.92
C PRO A 127 -6.92 -0.53 -16.09
N GLU A 128 -6.34 0.44 -16.79
CA GLU A 128 -5.87 1.68 -16.17
C GLU A 128 -7.07 2.46 -15.65
N GLY A 129 -6.87 3.16 -14.54
CA GLY A 129 -7.86 4.08 -14.03
C GLY A 129 -8.59 3.68 -12.76
N ARG A 130 -8.20 2.58 -12.11
CA ARG A 130 -8.89 2.12 -10.91
C ARG A 130 -8.45 2.85 -9.64
N LEU A 131 -7.22 3.30 -9.60
CA LEU A 131 -6.64 3.86 -8.39
C LEU A 131 -7.18 5.26 -8.12
N PRO A 132 -7.09 5.72 -6.88
CA PRO A 132 -7.69 7.02 -6.55
C PRO A 132 -6.98 8.21 -7.19
N ASP A 133 -7.79 9.22 -7.49
CA ASP A 133 -7.38 10.48 -8.08
C ASP A 133 -7.11 11.47 -6.95
N ALA A 134 -5.87 11.92 -6.83
CA ALA A 134 -5.49 12.82 -5.77
C ALA A 134 -6.23 14.16 -5.77
N THR A 135 -6.85 14.53 -6.90
CA THR A 135 -7.54 15.81 -6.95
C THR A 135 -9.01 15.71 -6.57
N LYS A 136 -9.52 14.53 -6.29
CA LYS A 136 -10.94 14.33 -6.01
C LYS A 136 -11.14 14.18 -4.50
N GLY A 137 -12.40 14.00 -4.13
CA GLY A 137 -12.77 14.06 -2.73
C GLY A 137 -13.39 12.80 -2.16
N SER A 138 -14.26 12.99 -1.17
CA SER A 138 -14.69 11.86 -0.36
C SER A 138 -15.64 10.94 -1.12
N ASP A 139 -16.48 11.47 -2.01
CA ASP A 139 -17.33 10.58 -2.81
C ASP A 139 -16.47 9.64 -3.65
N HIS A 140 -15.42 10.19 -4.26
CA HIS A 140 -14.50 9.39 -5.07
C HIS A 140 -13.78 8.36 -4.23
N LEU A 141 -13.31 8.75 -3.05
CA LEU A 141 -12.63 7.78 -2.19
C LEU A 141 -13.56 6.62 -1.85
N ARG A 142 -14.83 6.90 -1.57
CA ARG A 142 -15.75 5.81 -1.28
C ARG A 142 -16.04 4.94 -2.49
N GLN A 143 -16.06 5.53 -3.69
CA GLN A 143 -16.23 4.70 -4.90
C GLN A 143 -15.05 3.74 -5.08
N VAL A 144 -13.83 4.24 -4.88
CA VAL A 144 -12.63 3.46 -5.15
C VAL A 144 -12.37 2.44 -4.03
N PHE A 145 -12.26 2.92 -2.79
CA PHE A 145 -11.98 1.98 -1.70
C PHE A 145 -13.21 1.16 -1.32
N GLY A 146 -14.40 1.77 -1.39
CA GLY A 146 -15.60 1.09 -0.94
C GLY A 146 -16.24 0.22 -2.01
N LYS A 147 -16.66 0.84 -3.09
CA LYS A 147 -17.39 0.09 -4.10
C LYS A 147 -16.50 -0.82 -4.94
N GLN A 148 -15.27 -0.39 -5.26
CA GLN A 148 -14.37 -1.26 -6.02
C GLN A 148 -13.66 -2.27 -5.12
N MET A 149 -12.95 -1.78 -4.11
CA MET A 149 -12.14 -2.69 -3.31
C MET A 149 -12.94 -3.42 -2.23
N GLY A 150 -14.05 -2.86 -1.76
CA GLY A 150 -14.80 -3.48 -0.68
C GLY A 150 -14.36 -3.14 0.71
N LEU A 151 -13.61 -2.06 0.90
CA LEU A 151 -13.08 -1.65 2.20
C LEU A 151 -13.98 -0.60 2.86
N SER A 152 -13.80 -0.44 4.16
CA SER A 152 -14.67 0.43 4.95
C SER A 152 -14.12 1.86 5.04
N ASP A 153 -14.94 2.77 5.57
CA ASP A 153 -14.46 4.13 5.79
C ASP A 153 -13.28 4.17 6.77
N GLN A 154 -13.32 3.33 7.81
CA GLN A 154 -12.18 3.26 8.72
C GLN A 154 -10.92 2.87 7.95
N ASP A 155 -11.05 1.87 7.07
CA ASP A 155 -9.91 1.47 6.25
C ASP A 155 -9.38 2.62 5.40
N ILE A 156 -10.28 3.43 4.83
CA ILE A 156 -9.83 4.55 4.01
C ILE A 156 -8.95 5.49 4.82
N VAL A 157 -9.40 5.87 6.01
CA VAL A 157 -8.65 6.84 6.79
C VAL A 157 -7.35 6.23 7.30
N ALA A 158 -7.41 5.01 7.81
CA ALA A 158 -6.18 4.37 8.30
C ALA A 158 -5.16 4.19 7.18
N LEU A 159 -5.60 3.71 6.00
CA LEU A 159 -4.65 3.51 4.90
C LEU A 159 -4.06 4.83 4.41
N SER A 160 -4.83 5.92 4.45
CA SER A 160 -4.29 7.22 4.06
C SER A 160 -3.09 7.59 4.93
N GLY A 161 -3.04 7.06 6.14
CA GLY A 161 -1.88 7.29 7.01
C GLY A 161 -0.59 6.73 6.49
N GLY A 162 -0.64 5.89 5.46
CA GLY A 162 0.57 5.45 4.79
C GLY A 162 1.40 6.59 4.24
N HIS A 163 0.80 7.76 4.05
CA HIS A 163 1.53 8.96 3.63
C HIS A 163 2.44 9.50 4.73
N THR A 164 2.47 8.89 5.91
CA THR A 164 3.59 9.14 6.80
C THR A 164 4.94 8.74 6.19
N LEU A 165 4.93 7.90 5.16
CA LEU A 165 6.15 7.55 4.45
C LEU A 165 6.26 8.31 3.12
N GLY A 166 7.45 8.80 2.86
CA GLY A 166 7.78 9.24 1.50
C GLY A 166 7.26 10.60 1.11
N ARG A 167 7.16 10.77 -0.21
CA ARG A 167 6.91 12.07 -0.80
C ARG A 167 6.36 11.92 -2.21
N CYS A 168 5.88 13.03 -2.74
CA CYS A 168 5.51 13.16 -4.14
C CYS A 168 6.67 13.75 -4.93
N HIS A 169 6.77 13.33 -6.20
CA HIS A 169 7.84 13.71 -7.11
C HIS A 169 7.25 14.32 -8.38
N LYS A 170 7.81 15.46 -8.80
CA LYS A 170 7.23 16.18 -9.92
C LYS A 170 7.23 15.38 -11.22
N GLU A 171 8.20 14.48 -11.39
CA GLU A 171 8.28 13.67 -12.58
C GLU A 171 7.47 12.38 -12.50
N ARG A 172 6.94 12.04 -11.33
CA ARG A 172 6.14 10.83 -11.17
C ARG A 172 4.68 11.23 -11.20
N SER A 173 4.14 11.71 -10.06
CA SER A 173 2.75 12.17 -10.07
C SER A 173 2.61 13.58 -10.61
N GLY A 174 3.60 14.43 -10.40
CA GLY A 174 3.48 15.82 -10.70
C GLY A 174 3.33 16.71 -9.48
N PHE A 175 2.87 16.15 -8.37
CA PHE A 175 2.94 16.81 -7.08
C PHE A 175 4.36 16.73 -6.56
N GLU A 176 4.68 17.59 -5.59
CA GLU A 176 6.04 17.64 -5.09
C GLU A 176 6.05 17.98 -3.61
N GLY A 177 6.61 17.08 -2.82
CA GLY A 177 6.81 17.35 -1.41
C GLY A 177 6.41 16.16 -0.57
N ALA A 178 6.90 16.16 0.67
CA ALA A 178 6.58 15.13 1.66
C ALA A 178 5.42 15.58 2.53
N TRP A 179 4.66 14.60 3.03
CA TRP A 179 3.58 14.88 3.96
C TRP A 179 4.08 15.11 5.37
N THR A 180 5.19 14.48 5.75
CA THR A 180 5.67 14.56 7.12
C THR A 180 7.14 14.97 7.14
N SER A 181 7.58 15.41 8.32
CA SER A 181 8.95 15.79 8.52
C SER A 181 9.88 14.60 8.65
N ASN A 182 9.34 13.39 8.78
CA ASN A 182 10.13 12.17 8.95
C ASN A 182 9.65 11.10 7.97
N PRO A 183 9.96 11.26 6.68
CA PRO A 183 9.39 10.37 5.64
C PRO A 183 9.90 8.94 5.65
N LEU A 184 10.88 8.60 6.50
CA LEU A 184 11.28 7.21 6.69
C LEU A 184 10.82 6.65 8.03
N VAL A 185 9.93 7.33 8.72
CA VAL A 185 9.40 6.88 10.00
C VAL A 185 7.90 6.66 9.87
N PHE A 186 7.45 5.46 10.19
CA PHE A 186 6.03 5.10 10.18
C PHE A 186 5.43 5.44 11.54
N ASP A 187 4.67 6.52 11.60
CA ASP A 187 3.99 6.94 12.82
C ASP A 187 2.67 7.61 12.42
N ASN A 188 1.99 8.23 13.37
CA ASN A 188 0.72 8.88 13.09
C ASN A 188 0.88 10.37 12.73
N SER A 189 2.07 10.79 12.31
CA SER A 189 2.32 12.21 12.05
C SER A 189 1.47 12.76 10.90
N TYR A 190 1.11 11.92 9.93
CA TYR A 190 0.30 12.40 8.82
C TYR A 190 -0.98 13.07 9.32
N PHE A 191 -1.66 12.45 10.28
CA PHE A 191 -2.92 12.99 10.77
C PHE A 191 -2.68 14.27 11.57
N LYS A 192 -1.58 14.33 12.31
CA LYS A 192 -1.25 15.56 13.02
C LYS A 192 -1.01 16.72 12.06
N GLU A 193 -0.28 16.47 10.98
CA GLU A 193 -0.04 17.54 10.02
C GLU A 193 -1.33 17.95 9.32
N LEU A 194 -2.22 17.01 9.02
CA LEU A 194 -3.51 17.38 8.46
C LEU A 194 -4.25 18.33 9.38
N LEU A 195 -4.32 18.00 10.67
CA LEU A 195 -5.09 18.79 11.61
C LEU A 195 -4.49 20.17 11.81
N SER A 196 -3.19 20.32 11.66
CA SER A 196 -2.61 21.63 11.92
C SER A 196 -2.71 22.58 10.73
N GLY A 197 -3.24 22.12 9.60
CA GLY A 197 -3.31 22.92 8.41
C GLY A 197 -2.04 22.86 7.62
N ASP A 198 -2.01 23.61 6.53
CA ASP A 198 -0.83 23.60 5.67
C ASP A 198 0.32 24.30 6.37
N LYS A 199 1.54 23.87 6.04
CA LYS A 199 2.70 24.60 6.53
C LYS A 199 3.87 24.45 5.57
N GLU A 200 4.75 25.43 5.62
CA GLU A 200 5.85 25.50 4.67
C GLU A 200 6.71 24.26 4.79
N GLY A 201 7.06 23.69 3.66
CA GLY A 201 7.92 22.54 3.63
C GLY A 201 7.21 21.21 3.58
N LEU A 202 5.88 21.20 3.68
CA LEU A 202 5.10 19.97 3.67
C LEU A 202 3.96 20.11 2.67
N LEU A 203 3.50 18.97 2.18
CA LEU A 203 2.45 18.87 1.17
C LEU A 203 1.21 18.19 1.74
N GLN A 204 0.05 18.63 1.27
CA GLN A 204 -1.23 17.96 1.43
C GLN A 204 -1.91 17.92 0.07
N LEU A 205 -2.39 16.76 -0.31
CA LEU A 205 -3.18 16.60 -1.53
C LEU A 205 -4.65 16.92 -1.27
N PRO A 206 -5.42 17.26 -2.32
CA PRO A 206 -6.88 17.40 -2.10
C PRO A 206 -7.52 16.17 -1.47
N SER A 207 -7.06 14.97 -1.83
CA SER A 207 -7.61 13.74 -1.27
C SER A 207 -7.30 13.60 0.22
N ASP A 208 -6.17 14.14 0.67
CA ASP A 208 -5.88 14.19 2.10
C ASP A 208 -6.84 15.14 2.79
N LYS A 209 -7.03 16.34 2.21
CA LYS A 209 -7.87 17.33 2.85
C LYS A 209 -9.32 16.89 2.90
N ALA A 210 -9.74 16.00 2.01
CA ALA A 210 -11.11 15.49 2.01
C ALA A 210 -11.42 14.76 3.30
N LEU A 211 -10.40 14.18 3.93
CA LEU A 211 -10.61 13.50 5.20
C LEU A 211 -11.02 14.47 6.31
N LEU A 212 -10.63 15.73 6.20
CA LEU A 212 -10.91 16.69 7.27
C LEU A 212 -12.34 17.21 7.24
N SER A 213 -12.93 17.31 6.06
CA SER A 213 -14.23 17.92 5.88
C SER A 213 -15.36 16.91 5.88
N ASP A 214 -15.05 15.63 5.80
CA ASP A 214 -16.09 14.62 5.75
C ASP A 214 -16.52 14.25 7.16
N PRO A 215 -17.82 14.20 7.45
CA PRO A 215 -18.24 13.97 8.83
C PRO A 215 -17.98 12.58 9.37
N ALA A 216 -17.76 11.58 8.53
CA ALA A 216 -17.37 10.28 9.01
C ALA A 216 -15.87 10.10 9.06
N PHE A 217 -15.15 10.69 8.10
CA PHE A 217 -13.69 10.53 8.12
C PHE A 217 -13.03 11.35 9.22
N ARG A 218 -13.56 12.55 9.51
CA ARG A 218 -12.87 13.45 10.43
C ARG A 218 -12.72 12.87 11.83
N PRO A 219 -13.72 12.23 12.44
CA PRO A 219 -13.47 11.65 13.77
C PRO A 219 -12.36 10.62 13.76
N LEU A 220 -12.16 9.91 12.66
CA LEU A 220 -11.05 8.97 12.58
C LEU A 220 -9.71 9.69 12.48
N VAL A 221 -9.62 10.78 11.72
CA VAL A 221 -8.41 11.60 11.71
C VAL A 221 -8.07 12.07 13.13
N ASP A 222 -9.08 12.55 13.86
CA ASP A 222 -8.87 13.02 15.22
C ASP A 222 -8.34 11.89 16.10
N LYS A 223 -8.95 10.70 15.96
CA LYS A 223 -8.57 9.56 16.77
C LYS A 223 -7.11 9.19 16.51
N TYR A 224 -6.73 9.07 15.24
CA TYR A 224 -5.39 8.60 14.92
C TYR A 224 -4.34 9.65 15.25
N ALA A 225 -4.68 10.94 15.13
CA ALA A 225 -3.75 11.98 15.52
C ALA A 225 -3.46 11.95 17.01
N ALA A 226 -4.42 11.53 17.82
CA ALA A 226 -4.24 11.49 19.28
C ALA A 226 -3.71 10.16 19.79
N ASP A 227 -3.92 9.05 19.06
CA ASP A 227 -3.72 7.70 19.59
C ASP A 227 -2.99 6.84 18.54
N GLU A 228 -1.65 6.83 18.62
CA GLU A 228 -0.86 6.06 17.65
C GLU A 228 -1.14 4.57 17.76
N LYS A 229 -1.44 4.06 18.97
CA LYS A 229 -1.72 2.64 19.08
C LYS A 229 -3.00 2.28 18.34
N ALA A 230 -4.03 3.10 18.44
CA ALA A 230 -5.26 2.87 17.69
C ALA A 230 -5.03 2.94 16.19
N PHE A 231 -4.22 3.90 15.75
CA PHE A 231 -3.85 3.97 14.34
C PHE A 231 -3.16 2.69 13.90
N PHE A 232 -2.15 2.24 14.66
CA PHE A 232 -1.42 1.04 14.24
C PHE A 232 -2.35 -0.17 14.15
N GLU A 233 -3.28 -0.31 15.10
CA GLU A 233 -4.20 -1.44 15.08
C GLU A 233 -5.07 -1.39 13.82
N ASP A 234 -5.65 -0.23 13.52
CA ASP A 234 -6.56 -0.11 12.40
C ASP A 234 -5.81 -0.15 11.08
N TYR A 235 -4.59 0.41 11.04
CA TYR A 235 -3.75 0.31 9.85
C TYR A 235 -3.42 -1.15 9.57
N LYS A 236 -3.00 -1.90 10.60
CA LYS A 236 -2.66 -3.31 10.40
C LYS A 236 -3.83 -4.08 9.78
N GLU A 237 -5.03 -3.86 10.30
CA GLU A 237 -6.21 -4.56 9.80
C GLU A 237 -6.48 -4.18 8.36
N ALA A 238 -6.36 -2.89 8.05
CA ALA A 238 -6.68 -2.41 6.71
C ALA A 238 -5.63 -2.87 5.69
N HIS A 239 -4.35 -2.79 6.04
CA HIS A 239 -3.31 -3.25 5.13
C HIS A 239 -3.44 -4.75 4.88
N LEU A 240 -3.73 -5.52 5.92
CA LEU A 240 -3.92 -6.95 5.70
C LEU A 240 -5.01 -7.18 4.68
N LYS A 241 -6.16 -6.51 4.86
CA LYS A 241 -7.27 -6.68 3.92
C LYS A 241 -6.87 -6.25 2.51
N LEU A 242 -6.24 -5.09 2.38
CA LEU A 242 -5.79 -4.61 1.08
C LEU A 242 -4.89 -5.62 0.39
N SER A 243 -3.91 -6.17 1.12
CA SER A 243 -2.94 -7.09 0.55
C SER A 243 -3.54 -8.40 0.10
N GLU A 244 -4.79 -8.69 0.49
CA GLU A 244 -5.44 -9.97 0.21
C GLU A 244 -6.71 -9.80 -0.61
N LEU A 245 -6.92 -8.63 -1.23
CA LEU A 245 -8.14 -8.45 -2.00
C LEU A 245 -8.19 -9.48 -3.12
N GLY A 246 -9.32 -10.18 -3.22
CA GLY A 246 -9.49 -11.18 -4.23
C GLY A 246 -8.75 -12.48 -4.00
N PHE A 247 -8.05 -12.60 -2.87
CA PHE A 247 -7.19 -13.73 -2.57
C PHE A 247 -7.77 -14.50 -1.41
N ALA A 248 -7.92 -15.82 -1.58
CA ALA A 248 -8.26 -16.71 -0.48
C ALA A 248 -9.62 -16.40 0.12
N ASP A 249 -10.55 -15.90 -0.70
CA ASP A 249 -11.89 -15.59 -0.20
C ASP A 249 -12.67 -16.87 -0.01
N ALA A 250 -13.35 -16.96 1.13
CA ALA A 250 -14.13 -18.14 1.45
C ALA A 250 -15.41 -18.20 0.64
S SO4 B . -15.70 13.86 -5.75
O1 SO4 B . -15.31 13.11 -4.58
O2 SO4 B . -16.13 12.98 -6.84
O3 SO4 B . -16.80 14.76 -5.39
O4 SO4 B . -14.55 14.65 -6.20
CHA HEM C . 2.73 8.44 -3.00
CHB HEM C . -1.87 9.54 -4.13
CHC HEM C . -3.39 6.19 -0.95
CHD HEM C . 1.18 5.04 0.12
C1A HEM C . 1.62 9.00 -3.59
C2A HEM C . 1.65 10.01 -4.60
C3A HEM C . 0.38 10.33 -4.92
C4A HEM C . -0.50 9.52 -4.11
CMA HEM C . -0.12 11.38 -5.94
CAA HEM C . 2.94 10.61 -5.18
CBA HEM C . 3.66 9.69 -6.16
CGA HEM C . 4.95 10.36 -6.59
O1A HEM C . 6.05 9.81 -6.32
O2A HEM C . 4.88 11.48 -7.15
C1B HEM C . -2.67 8.76 -3.32
C2B HEM C . -4.09 8.92 -3.17
C3B HEM C . -4.51 8.03 -2.25
C4B HEM C . -3.38 7.26 -1.81
CMB HEM C . -4.91 9.97 -3.90
CAB HEM C . -5.96 7.88 -1.77
CBB HEM C . -6.23 7.71 -0.46
C1C HEM C . -2.29 5.50 -0.48
C2C HEM C . -2.33 4.28 0.28
C3C HEM C . -1.06 3.96 0.58
C4C HEM C . -0.19 4.97 0.00
CMC HEM C . -3.61 3.54 0.64
CAC HEM C . -0.50 2.79 1.39
CBC HEM C . -1.11 2.35 2.49
C1D HEM C . 1.98 5.95 -0.54
C2D HEM C . 3.40 6.18 -0.29
C3D HEM C . 3.84 7.11 -1.14
C4D HEM C . 2.71 7.51 -1.97
CMD HEM C . 4.17 5.44 0.83
CAD HEM C . 5.26 7.72 -1.26
CBD HEM C . 6.09 7.00 -2.31
CGD HEM C . 7.53 7.44 -2.42
O1D HEM C . 8.04 8.20 -1.58
O2D HEM C . 8.18 7.00 -3.40
NA HEM C . 0.28 8.69 -3.31
NB HEM C . -2.27 7.75 -2.46
NC HEM C . -0.98 5.88 -0.67
ND HEM C . 1.60 6.79 -1.57
FE HEM C . -0.34 7.48 -1.81
HHB HEM C . -2.32 10.13 -4.78
HHC HEM C . -4.27 5.87 -0.64
HHD HEM C . 1.62 4.38 0.70
HMA HEM C . 0.23 12.26 -5.70
HMAA HEM C . -1.10 11.41 -5.94
HMAB HEM C . 0.20 11.14 -6.83
HAA HEM C . 3.53 10.81 -4.43
HAAA HEM C . 2.72 11.43 -5.64
HBA HEM C . 3.11 9.53 -6.94
HBAA HEM C . 3.86 8.84 -5.72
HMB HEM C . -4.61 10.86 -3.64
HMBA HEM C . -5.85 9.88 -3.67
HMBB HEM C . -4.80 9.86 -4.86
HAB HEM C . -6.69 7.92 -2.40
HBB HEM C . -7.15 7.62 -0.16
HBBA HEM C . -5.51 7.68 0.17
HMC HEM C . -3.39 2.71 1.08
HMCA HEM C . -4.10 3.34 -0.18
HMCB HEM C . -4.16 4.09 1.22
HAC HEM C . 0.31 2.36 1.09
HBC HEM C . -0.74 1.61 2.98
HBCA HEM C . -1.93 2.78 2.79
HMD HEM C . 5.12 5.70 0.79
HMDA HEM C . 4.10 4.48 0.69
HMDB HEM C . 3.79 5.67 1.70
HAD HEM C . 5.71 7.65 -0.40
HADA HEM C . 5.18 8.65 -1.51
HBD HEM C . 5.67 7.14 -3.17
HBDA HEM C . 6.09 6.05 -2.10
HHA HEM C . 3.60 8.73 -3.34
C02 SIV D . 11.64 6.29 -1.98
C03 SIV D . 11.33 7.58 -2.67
C06 SIV D . 12.68 8.11 -3.09
C08 SIV D . 13.46 6.80 -3.40
C09 SIV D . 14.91 7.08 -2.99
C11 SIV D . 14.81 8.01 -2.04
O01 SIV D . 11.07 5.70 -1.12
O04 SIV D . 10.66 8.51 -1.82
O05 SIV D . 10.63 7.22 -3.84
O07 SIV D . 12.61 8.92 -4.23
O10 SIV D . 15.63 7.53 -4.10
O12 SIV D . 13.33 8.69 -2.13
O13 SIV D . 12.89 5.78 -2.58
H081 SIV D . 13.36 6.58 -4.46
H091 SIV D . 15.40 6.20 -2.58
H111 SIV D . 15.56 8.77 -2.20
H112 SIV D . 14.92 7.55 -1.07
H041 SIV D . 10.36 9.25 -2.33
H051 SIV D . 9.94 6.62 -3.62
H071 SIV D . 12.09 8.50 -4.90
H101 SIV D . 15.11 8.17 -4.56
NA NA E . 6.69 9.84 8.71
#